data_5YKQ
#
_entry.id   5YKQ
#
_entity_poly.entity_id   1
_entity_poly.type   'polypeptide(L)'
_entity_poly.pdbx_seq_one_letter_code
;CFLPKLFAKITKKNMAHIR
;
_entity_poly.pdbx_strand_id   A
#
# COMPACT_ATOMS: atom_id res chain seq x y z
N CYS A 1 9.37 7.90 6.32
CA CYS A 1 10.79 7.58 6.34
C CYS A 1 10.99 6.07 6.31
N PHE A 2 10.71 5.40 7.42
CA PHE A 2 10.86 3.96 7.52
C PHE A 2 9.61 3.24 7.04
N LEU A 3 8.71 3.99 6.40
CA LEU A 3 7.47 3.43 5.89
C LEU A 3 7.34 3.67 4.39
N PRO A 4 8.17 2.94 3.61
CA PRO A 4 8.16 3.05 2.15
C PRO A 4 6.90 2.48 1.52
N LYS A 5 6.57 2.95 0.32
CA LYS A 5 5.39 2.47 -0.39
C LYS A 5 5.77 1.81 -1.71
N LEU A 6 6.90 1.13 -1.72
CA LEU A 6 7.38 0.44 -2.92
C LEU A 6 6.24 -0.28 -3.61
N PHE A 7 5.36 -0.87 -2.82
CA PHE A 7 4.20 -1.60 -3.36
C PHE A 7 2.90 -1.04 -2.83
N ALA A 8 3.00 -0.12 -1.88
CA ALA A 8 1.82 0.50 -1.28
C ALA A 8 1.17 1.47 -2.27
N LYS A 9 1.98 2.07 -3.13
CA LYS A 9 1.48 3.01 -4.13
C LYS A 9 1.04 2.30 -5.40
N ILE A 10 1.75 1.23 -5.74
CA ILE A 10 1.43 0.45 -6.93
C ILE A 10 0.14 -0.34 -6.74
N THR A 11 -0.18 -0.67 -5.49
CA THR A 11 -1.38 -1.42 -5.18
C THR A 11 -2.59 -0.49 -5.04
N LYS A 12 -3.60 -0.73 -5.88
CA LYS A 12 -4.81 0.08 -5.85
C LYS A 12 -6.03 -0.78 -5.57
N LYS A 13 -5.80 -1.98 -5.04
CA LYS A 13 -6.89 -2.90 -4.73
C LYS A 13 -6.90 -3.21 -3.23
N ASN A 14 -6.01 -4.09 -2.81
CA ASN A 14 -5.92 -4.49 -1.41
C ASN A 14 -5.86 -3.26 -0.50
N MET A 15 -5.31 -2.17 -1.03
CA MET A 15 -5.20 -0.93 -0.27
C MET A 15 -6.57 -0.42 0.16
N ALA A 16 -7.48 -0.29 -0.80
CA ALA A 16 -8.83 0.18 -0.52
C ALA A 16 -9.66 -0.92 0.14
N HIS A 17 -9.05 -2.08 0.34
CA HIS A 17 -9.74 -3.21 0.94
C HIS A 17 -9.30 -3.40 2.39
N ILE A 18 -8.16 -2.81 2.73
CA ILE A 18 -7.62 -2.92 4.09
C ILE A 18 -8.66 -2.53 5.13
N ARG A 19 -9.43 -1.48 4.81
CA ARG A 19 -10.47 -1.00 5.73
C ARG A 19 -11.63 -0.40 4.95
N CYS A 1 11.80 1.61 11.26
CA CYS A 1 10.37 1.39 11.30
C CYS A 1 9.72 1.75 9.97
N PHE A 2 9.62 3.06 9.69
CA PHE A 2 9.03 3.53 8.45
C PHE A 2 9.67 2.86 7.25
N LEU A 3 8.85 2.61 6.22
CA LEU A 3 9.33 1.96 5.01
C LEU A 3 8.74 2.62 3.76
N PRO A 4 9.40 2.43 2.61
CA PRO A 4 8.96 2.99 1.33
C PRO A 4 7.67 2.34 0.83
N LYS A 5 7.15 2.86 -0.27
CA LYS A 5 5.93 2.33 -0.86
C LYS A 5 6.18 1.81 -2.27
N LEU A 6 7.35 1.23 -2.48
CA LEU A 6 7.72 0.68 -3.78
C LEU A 6 6.56 -0.08 -4.40
N PHE A 7 5.82 -0.81 -3.57
CA PHE A 7 4.68 -1.59 -4.03
C PHE A 7 3.41 -1.18 -3.30
N ALA A 8 3.56 -0.35 -2.27
CA ALA A 8 2.43 0.12 -1.49
C ALA A 8 1.60 1.13 -2.28
N LYS A 9 2.25 1.84 -3.19
CA LYS A 9 1.58 2.84 -4.01
C LYS A 9 1.03 2.20 -5.28
N ILE A 10 1.73 1.21 -5.80
CA ILE A 10 1.30 0.52 -7.02
C ILE A 10 0.11 -0.39 -6.75
N THR A 11 -0.01 -0.86 -5.51
CA THR A 11 -1.11 -1.73 -5.11
C THR A 11 -2.34 -0.92 -4.73
N LYS A 12 -3.44 -1.15 -5.44
CA LYS A 12 -4.70 -0.46 -5.18
C LYS A 12 -5.80 -1.43 -4.80
N LYS A 13 -5.41 -2.64 -4.42
CA LYS A 13 -6.37 -3.67 -4.03
C LYS A 13 -6.37 -3.86 -2.52
N ASN A 14 -5.30 -4.45 -2.00
CA ASN A 14 -5.18 -4.69 -0.56
C ASN A 14 -5.19 -3.38 0.21
N MET A 15 -4.91 -2.28 -0.49
CA MET A 15 -4.88 -0.97 0.13
C MET A 15 -6.24 -0.64 0.76
N ALA A 16 -7.29 -0.74 -0.04
CA ALA A 16 -8.64 -0.45 0.43
C ALA A 16 -9.18 -1.59 1.30
N HIS A 17 -8.35 -2.62 1.48
CA HIS A 17 -8.74 -3.77 2.29
C HIS A 17 -8.04 -3.74 3.65
N ILE A 18 -6.98 -2.95 3.75
CA ILE A 18 -6.22 -2.83 4.99
C ILE A 18 -7.14 -2.49 6.15
N ARG A 19 -8.11 -1.62 5.90
CA ARG A 19 -9.06 -1.20 6.94
C ARG A 19 -9.95 -2.37 7.35
N CYS A 1 3.42 7.53 8.59
CA CYS A 1 3.87 6.54 7.63
C CYS A 1 5.09 5.78 8.15
N PHE A 2 5.64 4.90 7.31
CA PHE A 2 6.80 4.11 7.69
C PHE A 2 7.24 3.20 6.54
N LEU A 3 8.54 3.09 6.34
CA LEU A 3 9.08 2.25 5.28
C LEU A 3 8.64 2.74 3.90
N PRO A 4 9.37 2.33 2.86
CA PRO A 4 9.08 2.72 1.48
C PRO A 4 7.79 2.09 0.96
N LYS A 5 7.26 2.64 -0.13
CA LYS A 5 6.03 2.13 -0.73
C LYS A 5 6.29 1.64 -2.15
N LEU A 6 7.43 1.00 -2.36
CA LEU A 6 7.79 0.48 -3.67
C LEU A 6 6.60 -0.22 -4.32
N PHE A 7 5.84 -0.96 -3.52
CA PHE A 7 4.68 -1.68 -4.02
C PHE A 7 3.41 -1.25 -3.28
N ALA A 8 3.60 -0.50 -2.20
CA ALA A 8 2.48 -0.02 -1.40
C ALA A 8 1.67 1.03 -2.15
N LYS A 9 2.34 1.75 -3.04
CA LYS A 9 1.68 2.80 -3.82
C LYS A 9 1.11 2.22 -5.10
N ILE A 10 1.84 1.30 -5.72
CA ILE A 10 1.39 0.67 -6.96
C ILE A 10 0.16 -0.19 -6.73
N THR A 11 0.02 -0.70 -5.51
CA THR A 11 -1.11 -1.54 -5.16
C THR A 11 -2.32 -0.70 -4.75
N LYS A 12 -3.42 -0.86 -5.47
CA LYS A 12 -4.65 -0.12 -5.19
C LYS A 12 -5.79 -1.07 -4.84
N LYS A 13 -5.46 -2.31 -4.52
CA LYS A 13 -6.45 -3.31 -4.17
C LYS A 13 -6.48 -3.55 -2.67
N ASN A 14 -5.43 -4.20 -2.15
CA ASN A 14 -5.33 -4.48 -0.73
C ASN A 14 -5.31 -3.19 0.09
N MET A 15 -5.01 -2.08 -0.57
CA MET A 15 -4.96 -0.79 0.09
C MET A 15 -6.31 -0.44 0.71
N ALA A 16 -7.36 -0.49 -0.10
CA ALA A 16 -8.70 -0.19 0.37
C ALA A 16 -9.28 -1.34 1.20
N HIS A 17 -8.48 -2.39 1.35
CA HIS A 17 -8.91 -3.56 2.12
C HIS A 17 -8.23 -3.59 3.49
N ILE A 18 -7.14 -2.83 3.62
CA ILE A 18 -6.40 -2.76 4.87
C ILE A 18 -7.32 -2.44 6.04
N ARG A 19 -8.27 -1.54 5.81
CA ARG A 19 -9.21 -1.13 6.84
C ARG A 19 -10.61 -1.69 6.54
N CYS A 1 2.76 5.46 5.28
CA CYS A 1 3.79 6.48 5.41
C CYS A 1 5.16 5.84 5.68
N PHE A 2 5.33 5.33 6.89
CA PHE A 2 6.58 4.70 7.28
C PHE A 2 6.99 3.64 6.27
N LEU A 3 8.30 3.39 6.17
CA LEU A 3 8.82 2.40 5.24
C LEU A 3 8.51 2.79 3.80
N PRO A 4 9.26 2.20 2.85
CA PRO A 4 9.09 2.47 1.42
C PRO A 4 7.77 1.90 0.88
N LYS A 5 7.31 2.47 -0.22
CA LYS A 5 6.07 2.03 -0.85
C LYS A 5 6.31 1.52 -2.26
N LEU A 6 7.46 0.86 -2.45
CA LEU A 6 7.82 0.32 -3.76
C LEU A 6 6.63 -0.37 -4.41
N PHE A 7 5.84 -1.06 -3.61
CA PHE A 7 4.66 -1.77 -4.11
C PHE A 7 3.39 -1.29 -3.39
N ALA A 8 3.58 -0.49 -2.34
CA ALA A 8 2.46 0.04 -1.58
C ALA A 8 1.70 1.11 -2.37
N LYS A 9 2.42 1.79 -3.26
CA LYS A 9 1.83 2.84 -4.07
C LYS A 9 1.26 2.26 -5.37
N ILE A 10 1.91 1.23 -5.89
CA ILE A 10 1.47 0.58 -7.12
C ILE A 10 0.21 -0.25 -6.88
N THR A 11 0.06 -0.72 -5.66
CA THR A 11 -1.10 -1.54 -5.30
C THR A 11 -2.30 -0.67 -4.93
N LYS A 12 -3.39 -0.82 -5.67
CA LYS A 12 -4.60 -0.05 -5.41
C LYS A 12 -5.78 -0.97 -5.06
N LYS A 13 -5.47 -2.21 -4.71
CA LYS A 13 -6.48 -3.19 -4.35
C LYS A 13 -6.53 -3.38 -2.84
N ASN A 14 -5.50 -4.03 -2.30
CA ASN A 14 -5.43 -4.29 -0.86
C ASN A 14 -5.40 -2.97 -0.07
N MET A 15 -5.05 -1.89 -0.76
CA MET A 15 -4.99 -0.58 -0.14
C MET A 15 -6.34 -0.19 0.45
N ALA A 16 -7.38 -0.24 -0.36
CA ALA A 16 -8.72 0.11 0.07
C ALA A 16 -9.33 -1.00 0.92
N HIS A 17 -8.56 -2.07 1.12
CA HIS A 17 -9.02 -3.20 1.92
C HIS A 17 -8.36 -3.21 3.28
N ILE A 18 -7.27 -2.47 3.41
CA ILE A 18 -6.53 -2.39 4.67
C ILE A 18 -7.46 -2.02 5.82
N ARG A 19 -8.39 -1.10 5.55
CA ARG A 19 -9.34 -0.65 6.56
C ARG A 19 -10.60 -0.09 5.90
N CYS A 1 3.75 2.50 9.95
CA CYS A 1 3.88 2.26 8.52
C CYS A 1 5.33 2.39 8.08
N PHE A 2 5.81 3.62 7.98
CA PHE A 2 7.19 3.88 7.55
C PHE A 2 7.52 3.12 6.27
N LEU A 3 8.80 3.09 5.92
CA LEU A 3 9.24 2.40 4.72
C LEU A 3 8.64 3.04 3.47
N PRO A 4 9.25 2.77 2.31
CA PRO A 4 8.80 3.31 1.02
C PRO A 4 7.48 2.67 0.57
N LYS A 5 6.97 3.14 -0.56
CA LYS A 5 5.72 2.61 -1.11
C LYS A 5 5.93 1.99 -2.47
N LEU A 6 7.09 1.34 -2.65
CA LEU A 6 7.42 0.69 -3.91
C LEU A 6 6.22 -0.08 -4.46
N PHE A 7 5.47 -0.71 -3.56
CA PHE A 7 4.29 -1.47 -3.96
C PHE A 7 3.04 -0.95 -3.26
N ALA A 8 3.23 -0.06 -2.30
CA ALA A 8 2.13 0.52 -1.54
C ALA A 8 1.34 1.50 -2.40
N LYS A 9 2.01 2.11 -3.38
CA LYS A 9 1.37 3.06 -4.26
C LYS A 9 0.78 2.37 -5.48
N ILE A 10 1.44 1.30 -5.92
CA ILE A 10 0.97 0.54 -7.08
C ILE A 10 -0.26 -0.29 -6.73
N THR A 11 -0.38 -0.65 -5.46
CA THR A 11 -1.51 -1.44 -4.99
C THR A 11 -2.72 -0.56 -4.66
N LYS A 12 -3.82 -0.80 -5.36
CA LYS A 12 -5.04 -0.03 -5.14
C LYS A 12 -6.19 -0.93 -4.72
N LYS A 13 -5.85 -2.13 -4.25
CA LYS A 13 -6.87 -3.08 -3.81
C LYS A 13 -6.66 -3.45 -2.34
N ASN A 14 -5.69 -4.31 -2.08
CA ASN A 14 -5.39 -4.74 -0.72
C ASN A 14 -5.23 -3.54 0.21
N MET A 15 -4.79 -2.42 -0.37
CA MET A 15 -4.59 -1.19 0.41
C MET A 15 -5.90 -0.74 1.05
N ALA A 16 -6.93 -0.60 0.23
CA ALA A 16 -8.24 -0.17 0.72
C ALA A 16 -8.95 -1.31 1.45
N HIS A 17 -8.29 -2.46 1.52
CA HIS A 17 -8.86 -3.63 2.19
C HIS A 17 -8.21 -3.84 3.55
N ILE A 18 -7.05 -3.23 3.75
CA ILE A 18 -6.32 -3.36 5.01
C ILE A 18 -7.21 -3.01 6.19
N ARG A 19 -8.03 -1.98 6.04
CA ARG A 19 -8.94 -1.56 7.09
C ARG A 19 -10.02 -2.62 7.35
N CYS A 1 13.38 6.67 6.34
CA CYS A 1 12.38 6.97 7.36
C CYS A 1 11.07 6.26 7.04
N PHE A 2 10.41 6.70 5.97
CA PHE A 2 9.14 6.12 5.58
C PHE A 2 9.23 4.60 5.50
N LEU A 3 8.12 3.93 5.76
CA LEU A 3 8.08 2.47 5.71
C LEU A 3 8.21 1.95 4.29
N PRO A 4 8.59 0.67 4.15
CA PRO A 4 8.77 0.03 2.85
C PRO A 4 7.44 -0.18 2.13
N LYS A 5 7.16 0.68 1.14
CA LYS A 5 5.93 0.58 0.38
C LYS A 5 6.22 0.33 -1.10
N LEU A 6 7.26 -0.45 -1.36
CA LEU A 6 7.65 -0.76 -2.73
C LEU A 6 6.43 -1.10 -3.59
N PHE A 7 5.47 -1.79 -2.98
CA PHE A 7 4.25 -2.18 -3.68
C PHE A 7 3.01 -1.64 -2.96
N ALA A 8 3.23 -1.12 -1.76
CA ALA A 8 2.13 -0.57 -0.97
C ALA A 8 1.63 0.74 -1.55
N LYS A 9 2.53 1.46 -2.23
CA LYS A 9 2.17 2.74 -2.83
C LYS A 9 1.64 2.54 -4.25
N ILE A 10 2.17 1.53 -4.93
CA ILE A 10 1.74 1.24 -6.30
C ILE A 10 0.36 0.59 -6.32
N THR A 11 0.01 -0.08 -5.23
CA THR A 11 -1.28 -0.74 -5.12
C THR A 11 -2.36 0.23 -4.64
N LYS A 12 -3.39 0.41 -5.46
CA LYS A 12 -4.49 1.31 -5.12
C LYS A 12 -5.82 0.56 -5.08
N LYS A 13 -5.74 -0.76 -4.96
CA LYS A 13 -6.93 -1.60 -4.90
C LYS A 13 -7.00 -2.37 -3.60
N ASN A 14 -6.21 -3.45 -3.51
CA ASN A 14 -6.17 -4.28 -2.32
C ASN A 14 -5.94 -3.43 -1.08
N MET A 15 -5.27 -2.31 -1.26
CA MET A 15 -4.98 -1.40 -0.14
C MET A 15 -6.28 -0.90 0.50
N ALA A 16 -7.16 -0.34 -0.33
CA ALA A 16 -8.44 0.17 0.16
C ALA A 16 -9.41 -0.97 0.46
N HIS A 17 -8.96 -2.20 0.25
CA HIS A 17 -9.79 -3.37 0.49
C HIS A 17 -9.36 -4.07 1.78
N ILE A 18 -8.15 -3.77 2.24
CA ILE A 18 -7.63 -4.38 3.45
C ILE A 18 -8.61 -4.21 4.62
N ARG A 19 -9.23 -3.04 4.70
CA ARG A 19 -10.19 -2.76 5.75
C ARG A 19 -11.34 -1.90 5.24
N CYS A 1 9.61 8.63 8.18
CA CYS A 1 10.49 7.76 7.41
C CYS A 1 9.79 6.44 7.09
N PHE A 2 9.71 5.55 8.08
CA PHE A 2 9.07 4.26 7.89
C PHE A 2 9.63 3.55 6.65
N LEU A 3 8.98 2.46 6.26
CA LEU A 3 9.40 1.70 5.10
C LEU A 3 8.90 2.33 3.80
N PRO A 4 9.55 1.98 2.68
CA PRO A 4 9.18 2.49 1.36
C PRO A 4 7.83 1.97 0.88
N LYS A 5 7.36 2.50 -0.24
CA LYS A 5 6.08 2.07 -0.81
C LYS A 5 6.28 1.46 -2.20
N LEU A 6 7.38 0.75 -2.37
CA LEU A 6 7.69 0.11 -3.64
C LEU A 6 6.44 -0.56 -4.24
N PHE A 7 5.64 -1.17 -3.37
CA PHE A 7 4.42 -1.83 -3.80
C PHE A 7 3.20 -1.25 -3.09
N ALA A 8 3.45 -0.40 -2.10
CA ALA A 8 2.37 0.23 -1.35
C ALA A 8 1.65 1.28 -2.19
N LYS A 9 2.38 1.87 -3.13
CA LYS A 9 1.82 2.89 -4.00
C LYS A 9 1.20 2.27 -5.24
N ILE A 10 1.78 1.18 -5.71
CA ILE A 10 1.29 0.48 -6.89
C ILE A 10 0.00 -0.27 -6.59
N THR A 11 -0.17 -0.67 -5.33
CA THR A 11 -1.36 -1.40 -4.90
C THR A 11 -2.50 -0.44 -4.56
N LYS A 12 -3.62 -0.59 -5.25
CA LYS A 12 -4.78 0.25 -5.02
C LYS A 12 -5.98 -0.58 -4.61
N LYS A 13 -5.73 -1.82 -4.20
CA LYS A 13 -6.79 -2.72 -3.77
C LYS A 13 -6.80 -2.87 -2.25
N ASN A 14 -5.79 -3.56 -1.73
CA ASN A 14 -5.67 -3.77 -0.29
C ASN A 14 -5.50 -2.44 0.45
N MET A 15 -5.10 -1.41 -0.29
CA MET A 15 -4.89 -0.09 0.29
C MET A 15 -6.18 0.42 0.92
N ALA A 16 -7.26 0.43 0.14
CA ALA A 16 -8.55 0.91 0.62
C ALA A 16 -9.20 -0.13 1.53
N HIS A 17 -8.52 -1.25 1.74
CA HIS A 17 -9.03 -2.32 2.59
C HIS A 17 -8.31 -2.34 3.93
N ILE A 18 -7.16 -1.69 3.98
CA ILE A 18 -6.37 -1.63 5.21
C ILE A 18 -7.22 -1.14 6.38
N ARG A 19 -8.07 -0.16 6.12
CA ARG A 19 -8.94 0.40 7.15
C ARG A 19 -8.11 0.96 8.31
N CYS A 1 8.48 6.98 10.61
CA CYS A 1 9.20 7.51 9.47
C CYS A 1 9.32 6.47 8.36
N PHE A 2 10.17 5.47 8.58
CA PHE A 2 10.38 4.41 7.60
C PHE A 2 9.05 3.80 7.17
N LEU A 3 8.67 4.04 5.92
CA LEU A 3 7.42 3.51 5.38
C LEU A 3 7.54 3.22 3.90
N PRO A 4 8.28 2.15 3.57
CA PRO A 4 8.49 1.72 2.18
C PRO A 4 7.23 1.17 1.55
N LYS A 5 6.68 1.91 0.58
CA LYS A 5 5.47 1.48 -0.12
C LYS A 5 5.79 1.06 -1.54
N LEU A 6 6.89 0.35 -1.72
CA LEU A 6 7.30 -0.12 -3.04
C LEU A 6 6.12 -0.70 -3.80
N PHE A 7 5.23 -1.39 -3.08
CA PHE A 7 4.05 -1.99 -3.69
C PHE A 7 2.78 -1.49 -3.02
N ALA A 8 2.94 -0.77 -1.92
CA ALA A 8 1.81 -0.23 -1.18
C ALA A 8 1.17 0.92 -1.94
N LYS A 9 1.97 1.64 -2.72
CA LYS A 9 1.49 2.77 -3.49
C LYS A 9 0.97 2.32 -4.86
N ILE A 10 1.59 1.28 -5.40
CA ILE A 10 1.19 0.75 -6.70
C ILE A 10 -0.12 -0.03 -6.60
N THR A 11 -0.39 -0.56 -5.41
CA THR A 11 -1.61 -1.32 -5.18
C THR A 11 -2.77 -0.40 -4.83
N LYS A 12 -3.83 -0.44 -5.64
CA LYS A 12 -5.00 0.39 -5.40
C LYS A 12 -6.25 -0.47 -5.23
N LYS A 13 -6.05 -1.75 -4.94
CA LYS A 13 -7.14 -2.69 -4.74
C LYS A 13 -7.13 -3.27 -3.33
N ASN A 14 -6.23 -4.24 -3.11
CA ASN A 14 -6.10 -4.88 -1.81
C ASN A 14 -5.95 -3.84 -0.70
N MET A 15 -5.39 -2.69 -1.06
CA MET A 15 -5.18 -1.62 -0.09
C MET A 15 -6.51 -1.15 0.51
N ALA A 16 -7.46 -0.81 -0.37
CA ALA A 16 -8.77 -0.36 0.07
C ALA A 16 -9.63 -1.53 0.55
N HIS A 17 -9.06 -2.73 0.50
CA HIS A 17 -9.76 -3.93 0.94
C HIS A 17 -9.26 -4.40 2.30
N ILE A 18 -8.08 -3.91 2.68
CA ILE A 18 -7.48 -4.28 3.96
C ILE A 18 -8.46 -4.05 5.11
N ARG A 19 -9.20 -2.95 5.04
CA ARG A 19 -10.17 -2.61 6.06
C ARG A 19 -11.58 -3.00 5.63
N CYS A 1 13.51 8.10 7.92
CA CYS A 1 12.20 7.51 7.68
C CYS A 1 12.30 6.00 7.53
N PHE A 2 11.21 5.38 7.09
CA PHE A 2 11.16 3.93 6.91
C PHE A 2 9.79 3.49 6.42
N LEU A 3 9.67 2.21 6.08
CA LEU A 3 8.42 1.66 5.59
C LEU A 3 7.98 2.34 4.31
N PRO A 4 8.69 2.06 3.21
CA PRO A 4 8.40 2.63 1.90
C PRO A 4 7.10 2.09 1.30
N LYS A 5 6.71 2.62 0.15
CA LYS A 5 5.50 2.18 -0.52
C LYS A 5 5.80 1.61 -1.89
N LEU A 6 6.93 0.91 -1.99
CA LEU A 6 7.34 0.30 -3.25
C LEU A 6 6.17 -0.39 -3.94
N PHE A 7 5.31 -1.01 -3.14
CA PHE A 7 4.14 -1.70 -3.68
C PHE A 7 2.86 -1.15 -3.06
N ALA A 8 3.01 -0.31 -2.04
CA ALA A 8 1.87 0.29 -1.37
C ALA A 8 1.19 1.34 -2.24
N LYS A 9 1.98 1.96 -3.11
CA LYS A 9 1.47 2.99 -4.02
C LYS A 9 0.96 2.36 -5.31
N ILE A 10 1.60 1.29 -5.74
CA ILE A 10 1.21 0.60 -6.97
C ILE A 10 -0.08 -0.18 -6.77
N THR A 11 -0.34 -0.59 -5.53
CA THR A 11 -1.55 -1.34 -5.20
C THR A 11 -2.73 -0.42 -4.95
N LYS A 12 -3.78 -0.58 -5.74
CA LYS A 12 -4.97 0.24 -5.59
C LYS A 12 -6.20 -0.62 -5.31
N LYS A 13 -5.96 -1.85 -4.88
CA LYS A 13 -7.05 -2.77 -4.58
C LYS A 13 -6.99 -3.21 -3.12
N ASN A 14 -6.08 -4.13 -2.81
CA ASN A 14 -5.93 -4.62 -1.45
C ASN A 14 -5.80 -3.48 -0.46
N MET A 15 -5.25 -2.36 -0.93
CA MET A 15 -5.07 -1.18 -0.09
C MET A 15 -6.41 -0.70 0.46
N ALA A 16 -7.36 -0.47 -0.44
CA ALA A 16 -8.68 0.01 -0.05
C ALA A 16 -9.51 -1.12 0.56
N HIS A 17 -8.91 -2.32 0.64
CA HIS A 17 -9.60 -3.47 1.20
C HIS A 17 -9.08 -3.78 2.60
N ILE A 18 -7.91 -3.24 2.93
CA ILE A 18 -7.30 -3.45 4.23
C ILE A 18 -8.28 -3.12 5.35
N ARG A 19 -9.04 -2.05 5.16
CA ARG A 19 -10.01 -1.63 6.16
C ARG A 19 -11.42 -2.08 5.78
N CYS A 1 13.06 0.79 7.05
CA CYS A 1 12.48 2.00 7.61
C CYS A 1 11.92 2.90 6.51
N PHE A 2 12.82 3.54 5.76
CA PHE A 2 12.41 4.42 4.68
C PHE A 2 11.44 3.73 3.74
N LEU A 3 10.43 4.46 3.27
CA LEU A 3 9.43 3.91 2.37
C LEU A 3 8.80 2.65 2.95
N PRO A 4 7.99 2.83 4.01
CA PRO A 4 7.30 1.72 4.68
C PRO A 4 6.21 1.11 3.81
N LYS A 5 5.80 1.84 2.78
CA LYS A 5 4.76 1.36 1.87
C LYS A 5 5.35 1.00 0.52
N LEU A 6 6.51 0.36 0.53
CA LEU A 6 7.18 -0.05 -0.70
C LEU A 6 6.19 -0.67 -1.68
N PHE A 7 5.24 -1.44 -1.14
CA PHE A 7 4.24 -2.09 -1.96
C PHE A 7 2.83 -1.69 -1.52
N ALA A 8 2.75 -1.00 -0.39
CA ALA A 8 1.46 -0.54 0.14
C ALA A 8 0.89 0.59 -0.70
N LYS A 9 1.78 1.38 -1.31
CA LYS A 9 1.37 2.50 -2.14
C LYS A 9 1.13 2.06 -3.58
N ILE A 10 1.91 1.08 -4.03
CA ILE A 10 1.78 0.56 -5.39
C ILE A 10 0.53 -0.30 -5.53
N THR A 11 0.08 -0.89 -4.43
CA THR A 11 -1.11 -1.73 -4.44
C THR A 11 -2.37 -0.89 -4.28
N LYS A 12 -3.26 -0.97 -5.26
CA LYS A 12 -4.52 -0.22 -5.23
C LYS A 12 -5.71 -1.17 -5.26
N LYS A 13 -5.47 -2.45 -4.98
CA LYS A 13 -6.52 -3.44 -4.97
C LYS A 13 -6.93 -3.81 -3.54
N ASN A 14 -6.04 -4.51 -2.84
CA ASN A 14 -6.31 -4.92 -1.46
C ASN A 14 -6.48 -3.70 -0.56
N MET A 15 -6.00 -2.56 -1.03
CA MET A 15 -6.11 -1.31 -0.27
C MET A 15 -7.56 -0.98 0.03
N ALA A 16 -8.37 -0.94 -1.02
CA ALA A 16 -9.80 -0.63 -0.87
C ALA A 16 -10.57 -1.82 -0.31
N HIS A 17 -9.84 -2.91 -0.05
CA HIS A 17 -10.46 -4.12 0.49
C HIS A 17 -10.14 -4.28 1.96
N ILE A 18 -9.11 -3.57 2.43
CA ILE A 18 -8.71 -3.63 3.82
C ILE A 18 -9.88 -3.37 4.75
N ARG A 19 -10.73 -2.42 4.37
CA ARG A 19 -11.90 -2.08 5.17
C ARG A 19 -12.86 -3.25 5.27
N CYS A 1 15.33 0.35 5.82
CA CYS A 1 14.58 0.69 7.02
C CYS A 1 13.34 1.50 6.66
N PHE A 2 12.66 2.01 7.69
CA PHE A 2 11.45 2.80 7.49
C PHE A 2 10.33 1.95 6.90
N LEU A 3 9.15 2.54 6.78
CA LEU A 3 7.99 1.85 6.23
C LEU A 3 7.37 2.63 5.08
N PRO A 4 8.10 2.69 3.95
CA PRO A 4 7.63 3.40 2.75
C PRO A 4 6.45 2.70 2.08
N LYS A 5 6.07 3.20 0.91
CA LYS A 5 4.96 2.63 0.16
C LYS A 5 5.43 2.11 -1.20
N LEU A 6 6.65 1.58 -1.24
CA LEU A 6 7.21 1.06 -2.47
C LEU A 6 6.17 0.24 -3.24
N PHE A 7 5.36 -0.51 -2.51
CA PHE A 7 4.33 -1.34 -3.13
C PHE A 7 2.95 -0.98 -2.58
N ALA A 8 2.93 -0.15 -1.55
CA ALA A 8 1.68 0.28 -0.93
C ALA A 8 0.93 1.25 -1.83
N LYS A 9 1.68 1.99 -2.65
CA LYS A 9 1.08 2.95 -3.56
C LYS A 9 0.74 2.31 -4.90
N ILE A 10 1.54 1.34 -5.30
CA ILE A 10 1.32 0.64 -6.56
C ILE A 10 0.13 -0.32 -6.45
N THR A 11 -0.14 -0.79 -5.24
CA THR A 11 -1.24 -1.71 -5.00
C THR A 11 -2.56 -0.95 -4.80
N LYS A 12 -3.54 -1.24 -5.65
CA LYS A 12 -4.83 -0.59 -5.56
C LYS A 12 -5.94 -1.60 -5.33
N LYS A 13 -5.56 -2.80 -4.91
CA LYS A 13 -6.51 -3.87 -4.65
C LYS A 13 -6.73 -4.06 -3.16
N ASN A 14 -5.71 -4.60 -2.48
CA ASN A 14 -5.79 -4.83 -1.05
C ASN A 14 -5.98 -3.51 -0.30
N MET A 15 -5.66 -2.41 -0.95
CA MET A 15 -5.80 -1.08 -0.35
C MET A 15 -7.24 -0.83 0.06
N ALA A 16 -8.17 -0.99 -0.87
CA ALA A 16 -9.58 -0.78 -0.60
C ALA A 16 -10.17 -1.93 0.19
N HIS A 17 -9.33 -2.92 0.51
CA HIS A 17 -9.77 -4.09 1.27
C HIS A 17 -9.28 -4.01 2.71
N ILE A 18 -8.28 -3.17 2.94
CA ILE A 18 -7.72 -3.00 4.27
C ILE A 18 -8.81 -2.71 5.29
N ARG A 19 -9.79 -1.89 4.90
CA ARG A 19 -10.89 -1.53 5.78
C ARG A 19 -12.20 -2.10 5.27
N CYS A 1 3.06 3.98 7.26
CA CYS A 1 4.23 4.81 7.02
C CYS A 1 5.52 3.99 7.13
N PHE A 2 6.66 4.67 7.09
CA PHE A 2 7.94 4.01 7.18
C PHE A 2 8.20 3.12 5.97
N LEU A 3 9.47 2.93 5.63
CA LEU A 3 9.84 2.11 4.49
C LEU A 3 9.32 2.72 3.19
N PRO A 4 9.92 2.31 2.05
CA PRO A 4 9.53 2.81 0.73
C PRO A 4 8.15 2.30 0.31
N LYS A 5 7.67 2.81 -0.82
CA LYS A 5 6.36 2.41 -1.34
C LYS A 5 6.50 1.76 -2.72
N LEU A 6 7.59 1.03 -2.91
CA LEU A 6 7.85 0.35 -4.18
C LEU A 6 6.58 -0.34 -4.68
N PHE A 7 5.79 -0.87 -3.76
CA PHE A 7 4.56 -1.56 -4.10
C PHE A 7 3.36 -0.92 -3.41
N ALA A 8 3.64 -0.02 -2.46
CA ALA A 8 2.59 0.66 -1.72
C ALA A 8 1.87 1.68 -2.61
N LYS A 9 2.59 2.22 -3.58
CA LYS A 9 2.03 3.20 -4.50
C LYS A 9 1.36 2.52 -5.68
N ILE A 10 1.91 1.39 -6.10
CA ILE A 10 1.36 0.63 -7.21
C ILE A 10 0.08 -0.09 -6.83
N THR A 11 -0.06 -0.39 -5.55
CA THR A 11 -1.25 -1.07 -5.04
C THR A 11 -2.37 -0.08 -4.75
N LYS A 12 -3.50 -0.25 -5.41
CA LYS A 12 -4.65 0.63 -5.21
C LYS A 12 -5.87 -0.16 -4.75
N LYS A 13 -5.63 -1.36 -4.24
CA LYS A 13 -6.71 -2.22 -3.75
C LYS A 13 -6.52 -2.54 -2.28
N ASN A 14 -5.61 -3.46 -1.99
CA ASN A 14 -5.34 -3.86 -0.61
C ASN A 14 -5.07 -2.64 0.27
N MET A 15 -4.54 -1.58 -0.35
CA MET A 15 -4.24 -0.36 0.37
C MET A 15 -5.49 0.23 1.00
N ALA A 16 -6.52 0.42 0.19
CA ALA A 16 -7.79 0.98 0.68
C ALA A 16 -8.57 -0.07 1.46
N HIS A 17 -8.01 -1.27 1.57
CA HIS A 17 -8.66 -2.35 2.30
C HIS A 17 -8.01 -2.57 3.66
N ILE A 18 -6.80 -2.05 3.82
CA ILE A 18 -6.06 -2.19 5.07
C ILE A 18 -6.91 -1.73 6.25
N ARG A 19 -7.65 -0.65 6.06
CA ARG A 19 -8.50 -0.10 7.11
C ARG A 19 -7.68 0.25 8.35
N CYS A 1 9.43 9.10 8.26
CA CYS A 1 10.24 8.30 7.34
C CYS A 1 10.06 6.81 7.61
N PHE A 2 10.86 5.99 6.95
CA PHE A 2 10.79 4.55 7.12
C PHE A 2 9.46 4.01 6.59
N LEU A 3 9.42 2.70 6.33
CA LEU A 3 8.22 2.05 5.82
C LEU A 3 7.74 2.73 4.53
N PRO A 4 8.50 2.52 3.44
CA PRO A 4 8.17 3.10 2.13
C PRO A 4 6.92 2.47 1.51
N LYS A 5 6.51 3.01 0.37
CA LYS A 5 5.33 2.49 -0.32
C LYS A 5 5.69 1.97 -1.71
N LEU A 6 6.88 1.38 -1.81
CA LEU A 6 7.36 0.83 -3.08
C LEU A 6 6.25 0.04 -3.78
N PHE A 7 5.43 -0.64 -2.97
CA PHE A 7 4.33 -1.44 -3.51
C PHE A 7 2.99 -0.99 -2.93
N ALA A 8 3.06 -0.14 -1.91
CA ALA A 8 1.86 0.37 -1.25
C ALA A 8 1.12 1.35 -2.16
N LYS A 9 1.88 2.04 -3.01
CA LYS A 9 1.31 3.02 -3.92
C LYS A 9 0.86 2.35 -5.23
N ILE A 10 1.59 1.32 -5.63
CA ILE A 10 1.27 0.59 -6.85
C ILE A 10 0.03 -0.29 -6.67
N THR A 11 -0.20 -0.70 -5.43
CA THR A 11 -1.35 -1.55 -5.12
C THR A 11 -2.61 -0.71 -4.89
N LYS A 12 -3.64 -0.97 -5.70
CA LYS A 12 -4.89 -0.23 -5.59
C LYS A 12 -6.05 -1.19 -5.32
N LYS A 13 -5.72 -2.37 -4.81
CA LYS A 13 -6.73 -3.38 -4.51
C LYS A 13 -6.69 -3.76 -3.03
N ASN A 14 -5.71 -4.58 -2.66
CA ASN A 14 -5.57 -5.02 -1.28
C ASN A 14 -5.54 -3.83 -0.33
N MET A 15 -5.09 -2.68 -0.84
CA MET A 15 -5.02 -1.47 -0.04
C MET A 15 -6.41 -1.07 0.47
N ALA A 16 -7.37 -0.96 -0.44
CA ALA A 16 -8.73 -0.59 -0.08
C ALA A 16 -9.46 -1.77 0.56
N HIS A 17 -8.77 -2.89 0.67
CA HIS A 17 -9.36 -4.09 1.27
C HIS A 17 -8.83 -4.31 2.69
N ILE A 18 -7.72 -3.66 3.01
CA ILE A 18 -7.11 -3.77 4.33
C ILE A 18 -8.14 -3.49 5.43
N ARG A 19 -8.98 -2.49 5.19
CA ARG A 19 -10.01 -2.11 6.17
C ARG A 19 -11.29 -2.90 5.93
N CYS A 1 15.26 6.26 5.44
CA CYS A 1 13.89 6.12 4.95
C CYS A 1 12.96 5.64 6.06
N PHE A 2 11.70 5.39 5.70
CA PHE A 2 10.72 4.94 6.66
C PHE A 2 9.36 4.72 5.99
N LEU A 3 8.68 3.64 6.38
CA LEU A 3 7.38 3.32 5.81
C LEU A 3 7.46 3.16 4.30
N PRO A 4 8.12 2.08 3.86
CA PRO A 4 8.28 1.77 2.44
C PRO A 4 6.97 1.37 1.78
N LYS A 5 6.69 1.95 0.62
CA LYS A 5 5.46 1.66 -0.12
C LYS A 5 5.79 1.11 -1.51
N LEU A 6 6.93 0.42 -1.62
CA LEU A 6 7.35 -0.16 -2.88
C LEU A 6 6.17 -0.81 -3.60
N PHE A 7 5.28 -1.40 -2.83
CA PHE A 7 4.10 -2.06 -3.40
C PHE A 7 2.81 -1.48 -2.81
N ALA A 8 2.96 -0.64 -1.80
CA ALA A 8 1.81 0.00 -1.15
C ALA A 8 1.22 1.09 -2.04
N LYS A 9 2.05 1.68 -2.89
CA LYS A 9 1.62 2.73 -3.80
C LYS A 9 1.12 2.14 -5.11
N ILE A 10 1.73 1.03 -5.52
CA ILE A 10 1.35 0.36 -6.76
C ILE A 10 0.01 -0.36 -6.62
N THR A 11 -0.30 -0.77 -5.39
CA THR A 11 -1.55 -1.47 -5.11
C THR A 11 -2.69 -0.49 -4.88
N LYS A 12 -3.73 -0.58 -5.70
CA LYS A 12 -4.88 0.30 -5.57
C LYS A 12 -6.16 -0.51 -5.35
N LYS A 13 -5.99 -1.76 -4.95
CA LYS A 13 -7.13 -2.64 -4.69
C LYS A 13 -7.14 -3.11 -3.24
N ASN A 14 -6.28 -4.09 -2.93
CA ASN A 14 -6.19 -4.63 -1.59
C ASN A 14 -6.03 -3.51 -0.56
N MET A 15 -5.41 -2.40 -0.99
CA MET A 15 -5.19 -1.26 -0.11
C MET A 15 -6.52 -0.71 0.40
N ALA A 16 -7.44 -0.41 -0.51
CA ALA A 16 -8.75 0.12 -0.15
C ALA A 16 -9.64 -0.98 0.41
N HIS A 17 -9.12 -2.20 0.47
CA HIS A 17 -9.87 -3.33 0.99
C HIS A 17 -9.41 -3.71 2.40
N ILE A 18 -8.23 -3.23 2.76
CA ILE A 18 -7.67 -3.51 4.09
C ILE A 18 -8.66 -3.16 5.18
N ARG A 19 -9.36 -2.04 5.00
CA ARG A 19 -10.34 -1.58 5.99
C ARG A 19 -11.43 -0.76 5.31
N CYS A 1 3.11 3.47 6.68
CA CYS A 1 3.92 4.67 6.74
C CYS A 1 5.40 4.34 6.61
N PHE A 2 5.95 3.68 7.64
CA PHE A 2 7.36 3.31 7.63
C PHE A 2 7.73 2.59 6.34
N LEU A 3 9.02 2.64 5.99
CA LEU A 3 9.50 1.99 4.77
C LEU A 3 8.84 2.60 3.54
N PRO A 4 9.48 2.42 2.37
CA PRO A 4 8.97 2.94 1.10
C PRO A 4 7.72 2.20 0.64
N LYS A 5 7.01 2.80 -0.31
CA LYS A 5 5.78 2.21 -0.84
C LYS A 5 5.99 1.71 -2.26
N LEU A 6 7.14 1.12 -2.51
CA LEU A 6 7.48 0.60 -3.83
C LEU A 6 6.29 -0.16 -4.42
N PHE A 7 5.57 -0.89 -3.58
CA PHE A 7 4.41 -1.65 -4.01
C PHE A 7 3.16 -1.24 -3.24
N ALA A 8 3.35 -0.43 -2.21
CA ALA A 8 2.24 0.04 -1.40
C ALA A 8 1.40 1.07 -2.14
N LYS A 9 2.04 1.80 -3.04
CA LYS A 9 1.36 2.82 -3.83
C LYS A 9 0.75 2.21 -5.10
N ILE A 10 1.44 1.22 -5.65
CA ILE A 10 0.97 0.55 -6.86
C ILE A 10 -0.23 -0.35 -6.57
N THR A 11 -0.32 -0.82 -5.34
CA THR A 11 -1.42 -1.69 -4.93
C THR A 11 -2.63 -0.87 -4.51
N LYS A 12 -3.76 -1.08 -5.19
CA LYS A 12 -4.98 -0.37 -4.88
C LYS A 12 -6.10 -1.34 -4.49
N LYS A 13 -5.71 -2.57 -4.17
CA LYS A 13 -6.67 -3.59 -3.76
C LYS A 13 -6.64 -3.82 -2.27
N ASN A 14 -5.55 -4.43 -1.79
CA ASN A 14 -5.39 -4.71 -0.36
C ASN A 14 -5.34 -3.41 0.44
N MET A 15 -5.06 -2.31 -0.25
CA MET A 15 -4.99 -1.01 0.40
C MET A 15 -6.31 -0.66 1.07
N ALA A 16 -7.40 -0.72 0.31
CA ALA A 16 -8.73 -0.42 0.84
C ALA A 16 -9.25 -1.57 1.70
N HIS A 17 -8.45 -2.62 1.84
CA HIS A 17 -8.83 -3.77 2.63
C HIS A 17 -8.09 -3.79 3.97
N ILE A 18 -7.00 -3.02 4.04
CA ILE A 18 -6.21 -2.94 5.26
C ILE A 18 -7.08 -2.61 6.46
N ARG A 19 -8.04 -1.71 6.27
CA ARG A 19 -8.94 -1.31 7.34
C ARG A 19 -10.33 -1.89 7.12
N CYS A 1 15.01 6.88 5.54
CA CYS A 1 13.67 6.56 5.07
C CYS A 1 12.95 5.65 6.05
N PHE A 2 11.75 5.23 5.69
CA PHE A 2 10.95 4.36 6.55
C PHE A 2 9.61 4.02 5.90
N LEU A 3 9.01 2.92 6.33
CA LEU A 3 7.73 2.48 5.78
C LEU A 3 7.80 2.36 4.26
N PRO A 4 8.51 1.34 3.78
CA PRO A 4 8.67 1.08 2.34
C PRO A 4 7.37 0.61 1.69
N LYS A 5 6.88 1.38 0.73
CA LYS A 5 5.65 1.05 0.02
C LYS A 5 5.94 0.61 -1.41
N LEU A 6 7.00 -0.17 -1.57
CA LEU A 6 7.38 -0.67 -2.89
C LEU A 6 6.17 -1.16 -3.66
N PHE A 7 5.24 -1.79 -2.96
CA PHE A 7 4.02 -2.31 -3.58
C PHE A 7 2.78 -1.73 -2.91
N ALA A 8 2.98 -1.02 -1.81
CA ALA A 8 1.88 -0.40 -1.08
C ALA A 8 1.32 0.80 -1.84
N LYS A 9 2.19 1.45 -2.60
CA LYS A 9 1.79 2.62 -3.38
C LYS A 9 1.24 2.20 -4.75
N ILE A 10 1.80 1.13 -5.30
CA ILE A 10 1.38 0.62 -6.59
C ILE A 10 0.01 -0.06 -6.51
N THR A 11 -0.30 -0.59 -5.32
CA THR A 11 -1.57 -1.25 -5.11
C THR A 11 -2.68 -0.26 -4.76
N LYS A 12 -3.72 -0.24 -5.58
CA LYS A 12 -4.83 0.67 -5.36
C LYS A 12 -6.14 -0.11 -5.17
N LYS A 13 -6.01 -1.40 -4.90
CA LYS A 13 -7.18 -2.26 -4.70
C LYS A 13 -7.17 -2.87 -3.31
N ASN A 14 -6.27 -3.83 -3.09
CA ASN A 14 -6.16 -4.50 -1.80
C ASN A 14 -5.96 -3.48 -0.68
N MET A 15 -5.43 -2.32 -1.02
CA MET A 15 -5.20 -1.26 -0.04
C MET A 15 -6.51 -0.85 0.63
N ALA A 16 -7.50 -0.51 -0.18
CA ALA A 16 -8.80 -0.10 0.34
C ALA A 16 -9.60 -1.30 0.84
N HIS A 17 -9.01 -2.48 0.73
CA HIS A 17 -9.66 -3.71 1.16
C HIS A 17 -9.07 -4.20 2.48
N ILE A 18 -7.88 -3.70 2.81
CA ILE A 18 -7.20 -4.09 4.04
C ILE A 18 -8.12 -3.92 5.24
N ARG A 19 -8.88 -2.83 5.26
CA ARG A 19 -9.80 -2.54 6.35
C ARG A 19 -11.24 -2.83 5.94
N CYS A 1 12.46 7.93 8.54
CA CYS A 1 11.46 6.86 8.53
C CYS A 1 12.05 5.57 7.94
N PHE A 2 11.20 4.56 7.81
CA PHE A 2 11.63 3.27 7.26
C PHE A 2 10.44 2.48 6.74
N LEU A 3 9.34 3.18 6.47
CA LEU A 3 8.14 2.53 5.97
C LEU A 3 7.73 3.10 4.62
N PRO A 4 8.49 2.74 3.57
CA PRO A 4 8.24 3.19 2.21
C PRO A 4 6.96 2.59 1.61
N LYS A 5 6.55 3.11 0.47
CA LYS A 5 5.34 2.62 -0.20
C LYS A 5 5.68 2.06 -1.58
N LEU A 6 6.84 1.44 -1.69
CA LEU A 6 7.27 0.85 -2.96
C LEU A 6 6.14 0.12 -3.64
N PHE A 7 5.31 -0.57 -2.85
CA PHE A 7 4.17 -1.31 -3.38
C PHE A 7 2.87 -0.83 -2.75
N ALA A 8 2.98 0.00 -1.73
CA ALA A 8 1.81 0.54 -1.04
C ALA A 8 1.09 1.57 -1.91
N LYS A 9 1.83 2.22 -2.78
CA LYS A 9 1.26 3.23 -3.68
C LYS A 9 0.78 2.60 -4.97
N ILE A 10 1.47 1.55 -5.41
CA ILE A 10 1.11 0.85 -6.63
C ILE A 10 -0.14 0.01 -6.43
N THR A 11 -0.37 -0.43 -5.20
CA THR A 11 -1.53 -1.24 -4.87
C THR A 11 -2.75 -0.38 -4.60
N LYS A 12 -3.80 -0.59 -5.39
CA LYS A 12 -5.03 0.17 -5.23
C LYS A 12 -6.21 -0.76 -4.95
N LYS A 13 -5.90 -1.97 -4.52
CA LYS A 13 -6.94 -2.96 -4.21
C LYS A 13 -6.87 -3.39 -2.74
N ASN A 14 -5.90 -4.25 -2.44
CA ASN A 14 -5.72 -4.74 -1.08
C ASN A 14 -5.65 -3.59 -0.09
N MET A 15 -5.17 -2.44 -0.57
CA MET A 15 -5.05 -1.25 0.28
C MET A 15 -6.41 -0.83 0.82
N ALA A 16 -7.38 -0.67 -0.07
CA ALA A 16 -8.72 -0.27 0.32
C ALA A 16 -9.47 -1.43 0.94
N HIS A 17 -8.82 -2.58 1.02
CA HIS A 17 -9.44 -3.78 1.59
C HIS A 17 -8.89 -4.06 2.99
N ILE A 18 -7.75 -3.45 3.31
CA ILE A 18 -7.13 -3.64 4.61
C ILE A 18 -8.12 -3.36 5.73
N ARG A 19 -8.94 -2.32 5.55
CA ARG A 19 -9.93 -1.95 6.55
C ARG A 19 -11.16 -2.86 6.46
N CYS A 1 2.00 3.66 7.49
CA CYS A 1 3.02 4.63 7.11
C CYS A 1 4.42 4.06 7.29
N PHE A 2 5.43 4.91 7.11
CA PHE A 2 6.82 4.49 7.27
C PHE A 2 7.20 3.49 6.19
N LEU A 3 8.50 3.28 6.01
CA LEU A 3 9.00 2.34 5.02
C LEU A 3 8.61 2.79 3.61
N PRO A 4 9.33 2.26 2.60
CA PRO A 4 9.07 2.59 1.19
C PRO A 4 7.76 2.01 0.69
N LYS A 5 7.22 2.60 -0.37
CA LYS A 5 5.97 2.14 -0.95
C LYS A 5 6.17 1.67 -2.39
N LEU A 6 7.32 1.06 -2.65
CA LEU A 6 7.64 0.57 -3.99
C LEU A 6 6.44 -0.14 -4.61
N PHE A 7 5.70 -0.88 -3.78
CA PHE A 7 4.53 -1.61 -4.24
C PHE A 7 3.28 -1.19 -3.46
N ALA A 8 3.49 -0.40 -2.40
CA ALA A 8 2.38 0.07 -1.58
C ALA A 8 1.57 1.13 -2.31
N LYS A 9 2.23 1.86 -3.21
CA LYS A 9 1.56 2.90 -3.98
C LYS A 9 0.96 2.34 -5.26
N ILE A 10 1.62 1.34 -5.82
CA ILE A 10 1.14 0.70 -7.04
C ILE A 10 -0.08 -0.17 -6.78
N THR A 11 -0.18 -0.68 -5.55
CA THR A 11 -1.29 -1.53 -5.17
C THR A 11 -2.49 -0.70 -4.73
N LYS A 12 -3.62 -0.89 -5.41
CA LYS A 12 -4.84 -0.15 -5.09
C LYS A 12 -5.96 -1.11 -4.72
N LYS A 13 -5.60 -2.36 -4.42
CA LYS A 13 -6.58 -3.37 -4.05
C LYS A 13 -6.54 -3.64 -2.55
N ASN A 14 -5.47 -4.28 -2.10
CA ASN A 14 -5.30 -4.61 -0.69
C ASN A 14 -5.22 -3.33 0.15
N MET A 15 -4.91 -2.22 -0.51
CA MET A 15 -4.80 -0.93 0.18
C MET A 15 -6.11 -0.58 0.87
N ALA A 16 -7.20 -0.59 0.11
CA ALA A 16 -8.51 -0.27 0.65
C ALA A 16 -9.07 -1.41 1.48
N HIS A 17 -8.29 -2.49 1.58
CA HIS A 17 -8.70 -3.66 2.35
C HIS A 17 -7.95 -3.73 3.68
N ILE A 18 -6.85 -2.99 3.77
CA ILE A 18 -6.04 -2.97 4.98
C ILE A 18 -6.89 -2.65 6.20
N ARG A 19 -7.84 -1.72 6.03
CA ARG A 19 -8.71 -1.31 7.12
C ARG A 19 -10.15 -1.72 6.83
N CYS A 1 12.56 2.13 10.41
CA CYS A 1 11.11 2.11 10.27
C CYS A 1 10.68 2.63 8.90
N PHE A 2 10.71 3.96 8.75
CA PHE A 2 10.33 4.59 7.49
C PHE A 2 8.97 4.08 7.03
N LEU A 3 8.61 4.42 5.79
CA LEU A 3 7.34 4.00 5.22
C LEU A 3 7.53 3.37 3.84
N PRO A 4 8.11 2.17 3.82
CA PRO A 4 8.36 1.43 2.58
C PRO A 4 7.08 0.93 1.93
N LYS A 5 6.48 1.79 1.10
CA LYS A 5 5.24 1.44 0.41
C LYS A 5 5.44 1.45 -1.11
N LEU A 6 6.62 1.03 -1.55
CA LEU A 6 6.93 0.99 -2.98
C LEU A 6 5.77 0.42 -3.77
N PHE A 7 5.10 -0.59 -3.21
CA PHE A 7 3.97 -1.22 -3.87
C PHE A 7 2.72 -1.15 -2.99
N ALA A 8 2.91 -0.71 -1.75
CA ALA A 8 1.80 -0.59 -0.82
C ALA A 8 0.89 0.58 -1.18
N LYS A 9 1.47 1.59 -1.81
CA LYS A 9 0.71 2.77 -2.22
C LYS A 9 0.11 2.58 -3.61
N ILE A 10 0.83 1.86 -4.47
CA ILE A 10 0.37 1.60 -5.82
C ILE A 10 -0.78 0.60 -5.83
N THR A 11 -0.81 -0.27 -4.82
CA THR A 11 -1.86 -1.27 -4.72
C THR A 11 -3.10 -0.71 -4.04
N LYS A 12 -4.23 -0.75 -4.75
CA LYS A 12 -5.49 -0.24 -4.22
C LYS A 12 -6.54 -1.34 -4.18
N LYS A 13 -6.09 -2.59 -4.28
CA LYS A 13 -6.99 -3.74 -4.24
C LYS A 13 -6.64 -4.67 -3.09
N ASN A 14 -5.61 -5.47 -3.27
CA ASN A 14 -5.18 -6.41 -2.24
C ASN A 14 -4.77 -5.67 -0.96
N MET A 15 -4.48 -4.38 -1.11
CA MET A 15 -4.08 -3.56 0.03
C MET A 15 -5.26 -2.75 0.55
N ALA A 16 -5.89 -1.99 -0.34
CA ALA A 16 -7.03 -1.16 0.04
C ALA A 16 -8.06 -1.97 0.83
N HIS A 17 -8.06 -3.29 0.62
CA HIS A 17 -8.99 -4.16 1.31
C HIS A 17 -8.82 -4.05 2.83
N ILE A 18 -7.67 -3.54 3.25
CA ILE A 18 -7.39 -3.39 4.68
C ILE A 18 -8.27 -2.31 5.30
N ARG A 19 -8.47 -1.22 4.56
CA ARG A 19 -9.30 -0.11 5.03
C ARG A 19 -10.72 -0.58 5.31
N CYS A 1 5.79 5.10 7.30
CA CYS A 1 6.05 6.35 6.61
C CYS A 1 7.22 6.20 5.63
N PHE A 2 8.43 6.12 6.17
CA PHE A 2 9.62 5.98 5.36
C PHE A 2 9.90 4.50 5.05
N LEU A 3 8.93 3.66 5.36
CA LEU A 3 9.06 2.22 5.12
C LEU A 3 9.07 1.92 3.63
N PRO A 4 9.58 0.72 3.26
CA PRO A 4 9.66 0.29 1.87
C PRO A 4 8.28 -0.02 1.28
N LYS A 5 7.81 0.86 0.40
CA LYS A 5 6.51 0.69 -0.24
C LYS A 5 6.66 0.55 -1.75
N LEU A 6 7.72 -0.11 -2.18
CA LEU A 6 7.98 -0.31 -3.60
C LEU A 6 6.70 -0.71 -4.34
N PHE A 7 5.89 -1.53 -3.68
CA PHE A 7 4.63 -2.00 -4.27
C PHE A 7 3.45 -1.63 -3.38
N ALA A 8 3.75 -1.15 -2.18
CA ALA A 8 2.71 -0.76 -1.23
C ALA A 8 2.02 0.53 -1.66
N LYS A 9 2.76 1.37 -2.38
CA LYS A 9 2.22 2.64 -2.86
C LYS A 9 1.56 2.47 -4.22
N ILE A 10 2.09 1.56 -5.03
CA ILE A 10 1.54 1.30 -6.36
C ILE A 10 0.23 0.53 -6.27
N THR A 11 0.07 -0.25 -5.19
CA THR A 11 -1.14 -1.03 -4.99
C THR A 11 -2.23 -0.20 -4.33
N LYS A 12 -3.37 -0.08 -5.01
CA LYS A 12 -4.49 0.68 -4.48
C LYS A 12 -5.72 -0.20 -4.32
N LYS A 13 -5.51 -1.51 -4.31
CA LYS A 13 -6.60 -2.46 -4.16
C LYS A 13 -6.61 -3.06 -2.75
N ASN A 14 -5.62 -3.90 -2.47
CA ASN A 14 -5.51 -4.55 -1.17
C ASN A 14 -5.32 -3.50 -0.06
N MET A 15 -4.90 -2.31 -0.46
CA MET A 15 -4.68 -1.22 0.49
C MET A 15 -5.95 -0.90 1.26
N ALA A 16 -7.03 -0.64 0.52
CA ALA A 16 -8.31 -0.31 1.13
C ALA A 16 -8.98 -1.56 1.69
N HIS A 17 -8.32 -2.70 1.54
CA HIS A 17 -8.85 -3.96 2.03
C HIS A 17 -8.14 -4.40 3.31
N ILE A 18 -6.97 -3.82 3.55
CA ILE A 18 -6.19 -4.15 4.73
C ILE A 18 -7.03 -4.01 6.00
N ARG A 19 -7.86 -2.98 6.05
CA ARG A 19 -8.72 -2.74 7.21
C ARG A 19 -9.62 -3.95 7.46
#